data_3UZ5
#
_entry.id   3UZ5
#
_cell.length_a   95.476
_cell.length_b   123.744
_cell.length_c   45.702
_cell.angle_alpha   90.00
_cell.angle_beta   90.00
_cell.angle_gamma   90.00
#
_symmetry.space_group_name_H-M   'P 21 21 2'
#
loop_
_entity.id
_entity.type
_entity.pdbx_description
1 polymer 'Kemp eliminase KE59 R13 3/11H'
2 non-polymer 5,7-dichloro-1H-benzotriazole
3 non-polymer 'PHOSPHATE ION'
4 non-polymer 'SODIUM ION'
5 water water
#
_entity_poly.entity_id   1
_entity_poly.type   'polypeptide(L)'
_entity_poly.pdbx_seq_one_letter_code
;APRYLKGWLEDVVQRSQRRPSVRASRQRPIISLKERILEFNKRNITAIMAVYKRKSPSGLDVERDPIEYAKFMERGVVGL
AILTEEKYFNGSYEDLRKIASSVSVPILMWDIIVKESQIDDAYNLGADTVGLIVKILTERELESLLEYARSLGMEPAIVI
HDENDLDIALRIGARFIIITSHDLETLEINNENQRKLISMIPSNVVKVVASGISERNEIEELYKLGVNAFEIGTSLMRNP
EKIKEFIQGSLE
;
_entity_poly.pdbx_strand_id   A,B
#
# COMPACT_ATOMS: atom_id res chain seq x y z
N PRO A 2 -10.10 -19.38 5.79
CA PRO A 2 -9.65 -19.80 4.43
C PRO A 2 -10.81 -20.10 3.50
N ARG A 3 -10.50 -20.29 2.22
CA ARG A 3 -11.45 -20.77 1.28
C ARG A 3 -11.89 -22.20 1.61
N TYR A 4 -13.04 -22.61 1.08
CA TYR A 4 -13.36 -24.06 1.16
C TYR A 4 -12.42 -24.88 0.31
N LEU A 5 -11.80 -25.87 0.89
CA LEU A 5 -10.79 -26.60 0.13
C LEU A 5 -11.02 -28.10 0.36
N LYS A 6 -10.29 -28.89 -0.39
CA LYS A 6 -10.41 -30.35 -0.27
C LYS A 6 -9.05 -30.95 -0.36
N GLY A 7 -8.94 -32.22 0.01
CA GLY A 7 -7.72 -32.93 -0.21
C GLY A 7 -6.64 -32.51 0.75
N TRP A 8 -5.39 -32.67 0.29
CA TRP A 8 -4.25 -32.45 1.17
C TRP A 8 -4.25 -30.97 1.64
N LEU A 9 -4.66 -30.03 0.77
CA LEU A 9 -4.67 -28.61 1.20
C LEU A 9 -5.60 -28.36 2.36
N GLU A 10 -6.75 -29.02 2.38
CA GLU A 10 -7.65 -28.83 3.47
C GLU A 10 -7.00 -29.31 4.80
N ASP A 11 -6.38 -30.48 4.76
CA ASP A 11 -5.54 -31.01 5.86
C ASP A 11 -4.51 -29.97 6.36
N VAL A 12 -3.67 -29.44 5.47
CA VAL A 12 -2.62 -28.51 5.92
C VAL A 12 -3.21 -27.20 6.49
N VAL A 13 -4.27 -26.70 5.87
CA VAL A 13 -5.00 -25.54 6.37
C VAL A 13 -5.51 -25.75 7.82
N GLN A 14 -6.06 -26.90 8.13
CA GLN A 14 -6.47 -27.15 9.52
C GLN A 14 -5.28 -27.28 10.43
N ARG A 15 -4.27 -28.02 9.99
CA ARG A 15 -2.98 -28.09 10.72
C ARG A 15 -2.46 -26.68 11.06
N SER A 16 -2.44 -25.82 10.05
CA SER A 16 -1.97 -24.44 10.25
C SER A 16 -2.83 -23.67 11.25
N GLN A 17 -4.17 -23.80 11.14
CA GLN A 17 -5.08 -23.09 12.05
C GLN A 17 -4.80 -23.49 13.52
N ARG A 18 -4.51 -24.79 13.78
CA ARG A 18 -4.26 -25.25 15.14
C ARG A 18 -2.81 -25.02 15.61
N ARG A 19 -1.92 -24.58 14.73
CA ARG A 19 -0.48 -24.51 15.07
C ARG A 19 -0.13 -23.52 16.19
N PRO A 20 0.47 -24.02 17.30
CA PRO A 20 0.76 -23.17 18.43
C PRO A 20 1.85 -22.16 18.09
N SER A 21 1.73 -20.96 18.61
CA SER A 21 2.72 -19.93 18.41
C SER A 21 4.03 -20.37 19.05
N VAL A 22 5.14 -20.11 18.38
CA VAL A 22 6.47 -20.57 18.87
C VAL A 22 7.18 -19.56 19.83
N ARG A 23 7.96 -20.08 20.80
CA ARG A 23 8.87 -19.21 21.62
C ARG A 23 10.11 -18.97 20.79
N ALA A 24 10.40 -17.73 20.44
CA ALA A 24 11.55 -17.41 19.58
C ALA A 24 11.81 -15.92 19.66
N SER A 25 13.05 -15.50 19.36
CA SER A 25 13.41 -14.08 19.34
C SER A 25 14.45 -13.86 18.25
N ARG A 26 14.10 -12.97 17.33
CA ARG A 26 14.94 -12.78 16.15
C ARG A 26 16.22 -12.02 16.56
N GLN A 27 17.23 -12.23 15.74
CA GLN A 27 18.60 -11.85 16.12
C GLN A 27 19.19 -10.72 15.32
N ARG A 28 18.43 -10.28 14.29
CA ARG A 28 18.81 -9.06 13.50
C ARG A 28 17.56 -8.41 12.97
N PRO A 29 17.64 -7.12 12.60
CA PRO A 29 16.41 -6.49 12.02
C PRO A 29 16.09 -7.16 10.70
N ILE A 30 14.85 -7.01 10.30
CA ILE A 30 14.41 -7.46 8.99
C ILE A 30 15.21 -6.85 7.83
N ILE A 31 15.59 -7.72 6.89
CA ILE A 31 16.19 -7.30 5.61
C ILE A 31 15.18 -7.57 4.52
N SER A 32 14.82 -6.54 3.75
CA SER A 32 13.74 -6.74 2.80
C SER A 32 14.25 -7.64 1.66
N LEU A 33 13.59 -8.77 1.50
CA LEU A 33 13.88 -9.70 0.41
C LEU A 33 13.59 -9.02 -0.92
N LYS A 34 12.43 -8.40 -1.04
CA LYS A 34 12.05 -7.60 -2.20
C LYS A 34 13.13 -6.62 -2.59
N GLU A 35 13.57 -5.82 -1.61
CA GLU A 35 14.59 -4.80 -1.92
C GLU A 35 15.95 -5.43 -2.27
N ARG A 36 16.36 -6.54 -1.62
CA ARG A 36 17.63 -7.18 -2.03
C ARG A 36 17.53 -7.72 -3.52
N ILE A 37 16.40 -8.19 -3.92
CA ILE A 37 16.19 -8.65 -5.31
C ILE A 37 16.39 -7.43 -6.24
N LEU A 38 15.83 -6.28 -5.88
CA LEU A 38 16.02 -5.06 -6.70
C LEU A 38 17.50 -4.64 -6.76
N GLU A 39 18.24 -4.85 -5.69
CA GLU A 39 19.67 -4.52 -5.72
C GLU A 39 20.43 -5.52 -6.62
N PHE A 40 20.11 -6.80 -6.52
CA PHE A 40 20.67 -7.78 -7.48
C PHE A 40 20.35 -7.38 -8.92
N ASN A 41 19.12 -6.96 -9.18
CA ASN A 41 18.76 -6.52 -10.51
C ASN A 41 19.62 -5.31 -11.04
N LYS A 42 19.69 -4.25 -10.24
CA LYS A 42 20.54 -3.12 -10.56
C LYS A 42 22.02 -3.58 -10.80
N ARG A 43 22.52 -4.59 -10.11
CA ARG A 43 23.92 -4.98 -10.29
C ARG A 43 24.05 -6.01 -11.43
N ASN A 44 22.95 -6.32 -12.10
CA ASN A 44 22.97 -7.38 -13.13
C ASN A 44 23.41 -8.76 -12.67
N ILE A 45 23.06 -9.12 -11.44
CA ILE A 45 23.40 -10.39 -10.87
C ILE A 45 22.10 -11.21 -10.79
N THR A 46 22.13 -12.42 -11.32
CA THR A 46 20.97 -13.32 -11.22
C THR A 46 20.54 -13.54 -9.80
N ALA A 47 19.26 -13.29 -9.55
CA ALA A 47 18.71 -13.41 -8.20
C ALA A 47 17.99 -14.79 -8.05
N ILE A 48 18.63 -15.72 -7.35
CA ILE A 48 18.07 -17.03 -7.08
C ILE A 48 17.62 -17.10 -5.62
N MET A 49 16.36 -17.47 -5.39
CA MET A 49 15.92 -17.74 -4.05
C MET A 49 15.89 -19.23 -3.86
N ALA A 50 16.86 -19.80 -3.16
CA ALA A 50 16.92 -21.30 -3.05
C ALA A 50 16.00 -21.78 -1.96
N VAL A 51 15.37 -22.93 -2.18
CA VAL A 51 14.40 -23.43 -1.21
C VAL A 51 15.03 -24.58 -0.44
N TYR A 52 14.91 -24.58 0.89
CA TYR A 52 15.25 -25.78 1.66
C TYR A 52 13.96 -26.55 1.96
N LYS A 53 13.88 -27.80 1.46
CA LYS A 53 12.80 -28.72 1.83
C LYS A 53 13.27 -30.15 1.72
N ARG A 54 12.96 -30.93 2.73
CA ARG A 54 13.40 -32.31 2.76
C ARG A 54 12.46 -33.18 1.97
N LYS A 55 11.20 -32.84 1.97
CA LYS A 55 10.17 -33.52 1.20
C LYS A 55 9.19 -32.55 0.53
N SER A 56 8.40 -33.08 -0.36
CA SER A 56 7.34 -32.34 -1.00
C SER A 56 6.17 -33.28 -1.27
N PRO A 57 4.97 -32.74 -1.33
CA PRO A 57 3.80 -33.58 -1.58
C PRO A 57 3.85 -34.20 -2.96
N SER A 58 4.74 -33.75 -3.82
CA SER A 58 4.93 -34.42 -5.09
C SER A 58 6.01 -35.50 -5.16
N GLY A 59 6.71 -35.72 -4.06
CA GLY A 59 7.61 -36.86 -3.98
C GLY A 59 9.09 -36.63 -3.76
N LEU A 60 9.51 -35.39 -3.63
CA LEU A 60 10.85 -35.11 -3.15
C LEU A 60 11.07 -35.84 -1.83
N ASP A 61 12.26 -36.40 -1.66
CA ASP A 61 12.62 -37.04 -0.40
C ASP A 61 14.13 -37.06 -0.29
N VAL A 62 14.67 -36.06 0.39
CA VAL A 62 16.10 -36.00 0.56
C VAL A 62 16.42 -35.57 1.97
N GLU A 63 17.61 -35.88 2.44
CA GLU A 63 18.01 -35.43 3.74
C GLU A 63 19.26 -34.65 3.50
N ARG A 64 19.37 -33.47 4.13
CA ARG A 64 20.47 -32.57 3.91
C ARG A 64 20.46 -31.67 5.15
N ASP A 65 21.64 -31.41 5.70
CA ASP A 65 21.67 -30.65 6.93
C ASP A 65 21.25 -29.21 6.58
N PRO A 66 20.25 -28.68 7.27
CA PRO A 66 19.78 -27.35 6.81
C PRO A 66 20.86 -26.23 6.93
N ILE A 67 21.66 -26.22 7.99
CA ILE A 67 22.66 -25.19 8.15
C ILE A 67 23.70 -25.33 7.03
N GLU A 68 24.14 -26.56 6.78
CA GLU A 68 25.18 -26.69 5.75
C GLU A 68 24.67 -26.20 4.37
N TYR A 69 23.40 -26.49 4.12
CA TYR A 69 22.83 -26.17 2.83
C TYR A 69 22.67 -24.66 2.75
N ALA A 70 22.23 -24.06 3.87
CA ALA A 70 22.10 -22.64 3.90
C ALA A 70 23.47 -21.95 3.73
N LYS A 71 24.44 -22.39 4.51
CA LYS A 71 25.82 -21.85 4.37
C LYS A 71 26.40 -22.00 3.00
N PHE A 72 26.20 -23.17 2.37
CA PHE A 72 26.61 -23.38 0.98
C PHE A 72 25.96 -22.38 0.02
N MET A 73 24.64 -22.23 0.07
CA MET A 73 23.87 -21.33 -0.83
C MET A 73 24.09 -19.85 -0.57
N GLU A 74 24.37 -19.50 0.68
CA GLU A 74 24.46 -18.07 1.12
C GLU A 74 25.37 -17.27 0.19
N ARG A 75 26.47 -17.88 -0.25
CA ARG A 75 27.48 -17.22 -1.09
C ARG A 75 26.86 -16.73 -2.39
N GLY A 76 25.87 -17.45 -2.93
CA GLY A 76 25.34 -17.14 -4.28
C GLY A 76 23.87 -16.74 -4.41
N VAL A 77 23.04 -16.97 -3.43
CA VAL A 77 21.60 -16.65 -3.57
C VAL A 77 21.22 -15.23 -3.15
N VAL A 78 20.13 -14.71 -3.68
CA VAL A 78 19.56 -13.44 -3.21
C VAL A 78 18.91 -13.62 -1.85
N GLY A 79 18.46 -14.85 -1.59
CA GLY A 79 17.83 -15.20 -0.34
C GLY A 79 17.50 -16.68 -0.28
N LEU A 80 16.93 -17.09 0.85
CA LEU A 80 16.49 -18.48 1.06
C LEU A 80 15.01 -18.58 1.42
N ALA A 81 14.31 -19.56 0.86
CA ALA A 81 12.97 -19.86 1.36
C ALA A 81 13.08 -21.18 2.17
N ILE A 82 12.66 -21.16 3.45
CA ILE A 82 12.74 -22.34 4.29
C ILE A 82 11.34 -22.93 4.57
N LEU A 83 11.14 -24.20 4.20
CA LEU A 83 9.89 -24.87 4.53
C LEU A 83 9.70 -25.02 6.04
N THR A 84 8.55 -24.62 6.58
CA THR A 84 8.24 -24.88 7.97
C THR A 84 6.93 -25.68 8.09
N GLU A 85 6.32 -26.02 6.94
CA GLU A 85 5.17 -26.90 6.92
C GLU A 85 5.60 -28.26 7.34
N GLU A 86 4.86 -28.82 8.28
CA GLU A 86 5.32 -30.03 8.95
C GLU A 86 5.02 -31.39 8.26
N LYS A 87 3.81 -31.61 7.80
CA LYS A 87 3.41 -32.98 7.39
C LYS A 87 3.86 -33.30 5.98
N TYR A 88 3.65 -32.39 5.05
CA TYR A 88 3.91 -32.73 3.67
C TYR A 88 5.32 -32.42 3.14
N PHE A 89 5.99 -31.52 3.82
CA PHE A 89 7.32 -31.02 3.46
C PHE A 89 8.32 -31.40 4.49
N ASN A 90 7.87 -31.98 5.59
CA ASN A 90 8.74 -32.37 6.72
C ASN A 90 9.64 -31.26 7.22
N GLY A 91 9.07 -30.06 7.21
CA GLY A 91 9.81 -28.93 7.70
C GLY A 91 9.47 -28.65 9.17
N SER A 92 10.16 -27.68 9.74
CA SER A 92 9.75 -27.20 11.05
C SER A 92 10.27 -25.85 11.34
N TYR A 93 9.75 -25.25 12.41
CA TYR A 93 10.24 -23.92 12.83
C TYR A 93 11.71 -23.99 13.19
N GLU A 94 12.17 -25.13 13.74
CA GLU A 94 13.58 -25.27 14.08
C GLU A 94 14.50 -25.11 12.89
N ASP A 95 14.13 -25.60 11.70
CA ASP A 95 14.94 -25.32 10.50
C ASP A 95 15.12 -23.83 10.22
N LEU A 96 14.04 -23.07 10.34
CA LEU A 96 14.10 -21.61 10.17
C LEU A 96 14.91 -20.93 11.26
N ARG A 97 14.67 -21.29 12.51
CA ARG A 97 15.37 -20.68 13.65
C ARG A 97 16.89 -20.87 13.41
N LYS A 98 17.29 -22.09 13.07
CA LYS A 98 18.72 -22.37 12.80
C LYS A 98 19.28 -21.58 11.64
N ILE A 99 18.62 -21.67 10.48
CA ILE A 99 19.16 -21.00 9.28
C ILE A 99 19.20 -19.45 9.43
N ALA A 100 18.07 -18.87 9.87
CA ALA A 100 17.98 -17.41 9.95
C ALA A 100 18.95 -16.80 10.92
N SER A 101 19.44 -17.61 11.88
CA SER A 101 20.45 -17.17 12.84
C SER A 101 21.90 -17.44 12.44
N SER A 102 22.07 -18.13 11.31
CA SER A 102 23.37 -18.66 10.85
C SER A 102 23.86 -18.11 9.51
N VAL A 103 22.99 -17.45 8.73
CA VAL A 103 23.38 -16.86 7.45
C VAL A 103 22.93 -15.39 7.38
N SER A 104 23.51 -14.60 6.49
CA SER A 104 23.23 -13.13 6.46
C SER A 104 22.19 -12.73 5.39
N VAL A 105 21.74 -13.66 4.57
CA VAL A 105 20.86 -13.29 3.48
C VAL A 105 19.40 -13.34 3.94
N PRO A 106 18.50 -12.59 3.31
CA PRO A 106 17.09 -12.54 3.74
C PRO A 106 16.35 -13.88 3.58
N ILE A 107 15.30 -14.06 4.38
CA ILE A 107 14.73 -15.40 4.49
C ILE A 107 13.25 -15.27 4.36
N LEU A 108 12.67 -16.10 3.47
CA LEU A 108 11.24 -16.15 3.34
C LEU A 108 10.80 -17.40 4.13
N MET A 109 9.84 -17.27 5.04
CA MET A 109 9.31 -18.47 5.68
C MET A 109 8.27 -19.10 4.74
N TRP A 110 8.49 -20.36 4.33
CA TRP A 110 7.61 -20.97 3.32
C TRP A 110 6.68 -21.90 4.05
N ASP A 111 5.42 -21.54 4.06
CA ASP A 111 4.43 -22.33 4.78
C ASP A 111 3.09 -21.90 4.25
N ILE A 112 2.04 -22.54 4.73
CA ILE A 112 0.64 -22.17 4.47
C ILE A 112 0.10 -21.28 5.60
N ILE A 113 0.21 -19.97 5.41
CA ILE A 113 -0.20 -19.00 6.40
C ILE A 113 -1.72 -18.81 6.35
N VAL A 114 -2.37 -18.97 7.47
CA VAL A 114 -3.84 -18.77 7.54
C VAL A 114 -4.19 -17.83 8.68
N LYS A 115 -3.21 -17.41 9.47
CA LYS A 115 -3.51 -16.58 10.67
C LYS A 115 -2.37 -15.74 11.04
N GLU A 116 -2.69 -14.66 11.77
CA GLU A 116 -1.66 -13.73 12.19
C GLU A 116 -0.53 -14.33 13.01
N SER A 117 -0.86 -15.28 13.90
CA SER A 117 0.22 -15.78 14.79
C SER A 117 1.30 -16.52 14.00
N GLN A 118 1.00 -16.98 12.79
CA GLN A 118 2.05 -17.65 12.03
C GLN A 118 3.01 -16.58 11.48
N ILE A 119 2.48 -15.39 11.14
CA ILE A 119 3.36 -14.32 10.73
C ILE A 119 4.19 -13.87 11.94
N ASP A 120 3.58 -13.79 13.14
CA ASP A 120 4.40 -13.57 14.37
C ASP A 120 5.56 -14.59 14.47
N ASP A 121 5.23 -15.85 14.15
CA ASP A 121 6.21 -16.95 14.28
C ASP A 121 7.35 -16.69 13.31
N ALA A 122 7.00 -16.38 12.06
CA ALA A 122 7.98 -16.03 11.05
C ALA A 122 8.89 -14.92 11.60
N TYR A 123 8.29 -13.85 12.09
CA TYR A 123 9.06 -12.71 12.56
C TYR A 123 9.96 -13.10 13.69
N ASN A 124 9.41 -13.83 14.66
CA ASN A 124 10.21 -14.13 15.90
C ASN A 124 11.32 -15.11 15.58
N LEU A 125 11.09 -15.95 14.58
CA LEU A 125 12.11 -16.95 14.20
C LEU A 125 13.22 -16.35 13.33
N GLY A 126 13.07 -15.12 12.88
CA GLY A 126 14.15 -14.51 12.13
C GLY A 126 13.88 -14.35 10.65
N ALA A 127 12.68 -14.78 10.18
CA ALA A 127 12.33 -14.66 8.76
C ALA A 127 12.14 -13.18 8.44
N ASP A 128 12.36 -12.87 7.18
CA ASP A 128 12.20 -11.47 6.74
C ASP A 128 10.90 -11.24 6.04
N THR A 129 10.28 -12.32 5.63
CA THR A 129 9.00 -12.20 4.95
C THR A 129 8.31 -13.57 4.91
N VAL A 130 7.06 -13.58 4.46
CA VAL A 130 6.23 -14.81 4.39
C VAL A 130 5.55 -14.81 3.01
N GLY A 131 4.97 -15.93 2.59
CA GLY A 131 4.13 -15.86 1.38
C GLY A 131 2.70 -15.92 1.84
N LEU A 132 1.80 -15.27 1.11
CA LEU A 132 0.38 -15.46 1.35
C LEU A 132 -0.21 -15.97 0.05
N ILE A 133 -1.08 -16.99 0.15
CA ILE A 133 -1.46 -17.76 -1.06
C ILE A 133 -2.90 -17.47 -1.41
N VAL A 134 -3.13 -16.93 -2.61
CA VAL A 134 -4.49 -16.45 -2.99
C VAL A 134 -5.46 -17.64 -3.07
N LYS A 135 -4.99 -18.77 -3.53
CA LYS A 135 -5.86 -19.92 -3.62
C LYS A 135 -6.35 -20.42 -2.27
N ILE A 136 -5.62 -20.10 -1.21
CA ILE A 136 -5.94 -20.54 0.14
C ILE A 136 -6.83 -19.53 0.84
N LEU A 137 -6.59 -18.24 0.62
CA LEU A 137 -7.13 -17.20 1.52
C LEU A 137 -8.23 -16.42 0.83
N THR A 138 -9.28 -16.07 1.57
CA THR A 138 -10.33 -15.20 0.97
C THR A 138 -9.66 -13.85 0.69
N GLU A 139 -10.20 -13.06 -0.23
CA GLU A 139 -9.69 -11.71 -0.43
C GLU A 139 -9.63 -10.87 0.89
N ARG A 140 -10.65 -11.01 1.76
CA ARG A 140 -10.67 -10.26 3.05
C ARG A 140 -9.51 -10.69 3.96
N GLU A 141 -9.18 -11.98 3.95
CA GLU A 141 -8.14 -12.53 4.83
C GLU A 141 -6.84 -12.08 4.21
N LEU A 142 -6.76 -12.04 2.88
CA LEU A 142 -5.47 -11.57 2.26
C LEU A 142 -5.15 -10.14 2.65
N GLU A 143 -6.18 -9.32 2.57
CA GLU A 143 -6.08 -7.89 2.87
C GLU A 143 -5.61 -7.75 4.28
N SER A 144 -6.22 -8.51 5.18
CA SER A 144 -5.90 -8.38 6.58
C SER A 144 -4.49 -8.83 6.94
N LEU A 145 -4.07 -9.98 6.39
CA LEU A 145 -2.77 -10.52 6.67
C LEU A 145 -1.66 -9.76 5.98
N LEU A 146 -1.94 -9.25 4.81
CA LEU A 146 -1.02 -8.35 4.15
C LEU A 146 -0.80 -7.12 5.04
N GLU A 147 -1.89 -6.53 5.53
CA GLU A 147 -1.76 -5.34 6.41
C GLU A 147 -0.94 -5.70 7.66
N TYR A 148 -1.18 -6.91 8.20
CA TYR A 148 -0.52 -7.33 9.44
C TYR A 148 0.99 -7.53 9.20
N ALA A 149 1.34 -8.23 8.10
CA ALA A 149 2.77 -8.43 7.79
C ALA A 149 3.46 -7.06 7.66
N ARG A 150 2.84 -6.16 6.91
CA ARG A 150 3.40 -4.80 6.72
C ARG A 150 3.62 -4.12 8.04
N SER A 151 2.68 -4.29 8.96
CA SER A 151 2.80 -3.62 10.33
C SER A 151 4.02 -4.13 11.11
N LEU A 152 4.50 -5.34 10.80
CA LEU A 152 5.74 -5.92 11.40
C LEU A 152 7.02 -5.51 10.67
N GLY A 153 6.88 -4.85 9.55
CA GLY A 153 8.03 -4.50 8.75
C GLY A 153 8.34 -5.41 7.58
N MET A 154 7.49 -6.37 7.30
CA MET A 154 7.67 -7.25 6.16
C MET A 154 6.89 -6.82 4.93
N GLU A 155 7.38 -7.16 3.75
CA GLU A 155 6.59 -7.09 2.55
C GLU A 155 6.44 -8.56 2.04
N PRO A 156 5.29 -9.12 2.32
CA PRO A 156 5.00 -10.49 1.98
C PRO A 156 4.97 -10.70 0.51
N ALA A 157 5.25 -11.94 0.11
CA ALA A 157 5.11 -12.32 -1.29
C ALA A 157 3.68 -12.88 -1.45
N ILE A 158 2.94 -12.38 -2.45
CA ILE A 158 1.63 -12.85 -2.69
C ILE A 158 1.74 -13.92 -3.80
N VAL A 159 1.34 -15.13 -3.49
CA VAL A 159 1.58 -16.31 -4.37
C VAL A 159 0.33 -16.49 -5.28
N ILE A 160 0.50 -16.43 -6.59
CA ILE A 160 -0.64 -16.53 -7.48
C ILE A 160 -0.32 -17.66 -8.50
N HIS A 161 -1.37 -18.28 -9.03
CA HIS A 161 -1.18 -19.35 -10.03
C HIS A 161 -1.98 -19.07 -11.30
N ASP A 162 -3.07 -18.32 -11.20
CA ASP A 162 -3.83 -18.05 -12.42
C ASP A 162 -4.28 -16.58 -12.45
N GLU A 163 -5.07 -16.25 -13.48
CA GLU A 163 -5.41 -14.89 -13.73
C GLU A 163 -6.34 -14.43 -12.61
N ASN A 164 -7.16 -15.34 -12.12
CA ASN A 164 -8.09 -15.01 -11.04
C ASN A 164 -7.28 -14.58 -9.79
N ASP A 165 -6.23 -15.33 -9.46
CA ASP A 165 -5.35 -14.98 -8.32
C ASP A 165 -4.66 -13.63 -8.54
N LEU A 166 -4.16 -13.39 -9.78
CA LEU A 166 -3.49 -12.16 -10.10
C LEU A 166 -4.43 -10.97 -9.92
N ASP A 167 -5.69 -11.14 -10.35
CA ASP A 167 -6.69 -10.06 -10.23
C ASP A 167 -6.78 -9.59 -8.78
N ILE A 168 -6.88 -10.56 -7.88
CA ILE A 168 -6.92 -10.30 -6.46
C ILE A 168 -5.66 -9.63 -5.95
N ALA A 169 -4.51 -10.17 -6.31
CA ALA A 169 -3.21 -9.71 -5.79
C ALA A 169 -3.02 -8.27 -6.18
N LEU A 170 -3.36 -7.92 -7.41
CA LEU A 170 -3.20 -6.51 -7.78
C LEU A 170 -4.23 -5.61 -7.16
N ARG A 171 -5.46 -6.09 -6.99
CA ARG A 171 -6.52 -5.27 -6.33
C ARG A 171 -6.17 -4.93 -4.88
N ILE A 172 -5.54 -5.84 -4.14
CA ILE A 172 -5.17 -5.58 -2.75
C ILE A 172 -3.84 -4.82 -2.61
N GLY A 173 -3.17 -4.66 -3.75
CA GLY A 173 -1.95 -3.85 -3.83
C GLY A 173 -0.67 -4.56 -3.44
N ALA A 174 -0.57 -5.80 -3.91
CA ALA A 174 0.64 -6.56 -3.83
C ALA A 174 1.82 -5.84 -4.48
N ARG A 175 2.94 -5.84 -3.79
CA ARG A 175 4.17 -5.23 -4.32
C ARG A 175 5.27 -6.26 -4.64
N PHE A 176 4.95 -7.52 -4.36
CA PHE A 176 5.88 -8.58 -4.42
C PHE A 176 5.00 -9.80 -4.69
N ILE A 177 5.19 -10.42 -5.84
CA ILE A 177 4.33 -11.53 -6.23
C ILE A 177 5.20 -12.74 -6.66
N ILE A 178 4.81 -13.92 -6.26
CA ILE A 178 5.40 -15.13 -6.75
C ILE A 178 4.42 -15.79 -7.72
N ILE A 179 4.87 -16.05 -8.91
CA ILE A 179 4.05 -16.69 -9.93
C ILE A 179 4.45 -18.17 -9.97
N THR A 180 3.56 -19.03 -9.52
CA THR A 180 3.85 -20.44 -9.46
C THR A 180 3.17 -21.20 -10.54
N SER A 181 3.92 -22.05 -11.16
CA SER A 181 3.36 -23.03 -12.09
C SER A 181 2.80 -24.25 -11.43
N HIS A 182 2.93 -24.35 -10.13
CA HIS A 182 2.48 -25.51 -9.39
C HIS A 182 1.02 -25.38 -9.15
N ASP A 183 0.24 -26.37 -9.52
CA ASP A 183 -1.17 -26.31 -9.17
C ASP A 183 -1.23 -26.92 -7.77
N LEU A 184 -1.65 -26.15 -6.76
CA LEU A 184 -1.51 -26.66 -5.40
C LEU A 184 -2.42 -27.86 -5.13
N GLU A 185 -3.50 -27.99 -5.89
CA GLU A 185 -4.38 -29.15 -5.77
C GLU A 185 -3.62 -30.28 -6.42
N THR A 186 -3.68 -30.39 -7.73
CA THR A 186 -3.06 -31.48 -8.48
C THR A 186 -1.57 -31.78 -8.21
N LEU A 187 -0.79 -30.82 -7.72
CA LEU A 187 0.70 -30.97 -7.70
C LEU A 187 1.46 -30.85 -9.08
N GLU A 188 0.73 -30.88 -10.18
CA GLU A 188 1.36 -30.73 -11.50
C GLU A 188 1.92 -29.31 -11.76
N ILE A 189 3.05 -29.28 -12.43
CA ILE A 189 3.61 -28.04 -12.93
C ILE A 189 3.01 -27.76 -14.31
N ASN A 190 2.23 -26.71 -14.40
CA ASN A 190 1.67 -26.25 -15.69
C ASN A 190 2.07 -24.79 -16.00
N ASN A 191 2.85 -24.63 -17.08
CA ASN A 191 3.39 -23.35 -17.57
C ASN A 191 2.53 -22.63 -18.63
N GLU A 192 1.38 -23.19 -19.02
CA GLU A 192 0.48 -22.60 -20.05
C GLU A 192 0.32 -21.09 -19.90
N ASN A 193 0.04 -20.62 -18.69
CA ASN A 193 -0.35 -19.25 -18.51
C ASN A 193 0.76 -18.34 -17.96
N GLN A 194 1.95 -18.88 -17.79
CA GLN A 194 3.12 -18.18 -17.19
C GLN A 194 3.48 -16.85 -17.91
N ARG A 195 3.65 -16.96 -19.22
CA ARG A 195 4.02 -15.81 -20.07
C ARG A 195 2.98 -14.65 -19.90
N LYS A 196 1.70 -14.99 -20.01
CA LYS A 196 0.62 -14.04 -19.84
C LYS A 196 0.57 -13.44 -18.42
N LEU A 197 0.72 -14.28 -17.38
CA LEU A 197 0.70 -13.74 -16.03
C LEU A 197 1.83 -12.75 -15.75
N ILE A 198 3.04 -13.12 -16.16
CA ILE A 198 4.22 -12.25 -15.95
C ILE A 198 3.95 -10.94 -16.65
N SER A 199 3.33 -10.99 -17.82
CA SER A 199 3.19 -9.79 -18.61
C SER A 199 2.08 -8.90 -18.07
N MET A 200 1.20 -9.45 -17.23
CA MET A 200 0.14 -8.65 -16.64
C MET A 200 0.56 -7.89 -15.39
N ILE A 201 1.76 -8.15 -14.88
CA ILE A 201 2.21 -7.52 -13.65
C ILE A 201 2.97 -6.21 -13.94
N PRO A 202 2.53 -5.08 -13.33
CA PRO A 202 3.21 -3.77 -13.60
C PRO A 202 4.72 -3.88 -13.30
N SER A 203 5.51 -3.04 -13.96
CA SER A 203 6.97 -3.08 -13.86
C SER A 203 7.51 -2.91 -12.43
N ASN A 204 6.79 -2.12 -11.62
CA ASN A 204 7.26 -1.83 -10.25
C ASN A 204 6.84 -2.84 -9.13
N VAL A 205 6.17 -3.92 -9.53
CA VAL A 205 5.89 -5.04 -8.65
C VAL A 205 7.07 -6.04 -8.87
N VAL A 206 7.71 -6.43 -7.78
CA VAL A 206 8.79 -7.41 -7.89
C VAL A 206 8.20 -8.77 -8.12
N LYS A 207 8.65 -9.44 -9.17
CA LYS A 207 8.04 -10.76 -9.49
C LYS A 207 9.06 -11.84 -9.50
N VAL A 208 8.64 -12.98 -8.93
CA VAL A 208 9.51 -14.12 -8.75
C VAL A 208 8.74 -15.24 -9.40
N VAL A 209 9.45 -16.10 -10.10
CA VAL A 209 8.82 -17.32 -10.63
C VAL A 209 9.23 -18.57 -9.88
N ALA A 210 8.27 -19.46 -9.55
CA ALA A 210 8.53 -20.79 -9.02
C ALA A 210 7.99 -21.76 -10.06
N SER A 211 8.84 -22.62 -10.66
CA SER A 211 8.25 -23.50 -11.68
C SER A 211 8.96 -24.77 -11.88
N GLY A 212 9.56 -25.38 -10.85
CA GLY A 212 10.35 -26.64 -11.16
C GLY A 212 11.56 -26.30 -12.05
N ILE A 213 12.10 -25.09 -11.93
CA ILE A 213 13.25 -24.67 -12.75
C ILE A 213 14.43 -25.61 -12.51
N SER A 214 15.08 -26.06 -13.56
CA SER A 214 16.27 -26.92 -13.44
C SER A 214 17.39 -26.60 -14.42
N GLU A 215 17.20 -25.58 -15.27
CA GLU A 215 18.18 -25.25 -16.27
C GLU A 215 18.39 -23.76 -16.37
N ARG A 216 19.64 -23.35 -16.62
CA ARG A 216 19.96 -21.92 -16.83
C ARG A 216 19.14 -21.35 -17.99
N ASN A 217 18.94 -22.12 -19.05
CA ASN A 217 18.16 -21.65 -20.18
C ASN A 217 16.77 -21.16 -19.73
N GLU A 218 16.14 -21.86 -18.80
CA GLU A 218 14.77 -21.50 -18.41
C GLU A 218 14.77 -20.13 -17.73
N ILE A 219 15.81 -19.87 -16.95
CA ILE A 219 16.03 -18.60 -16.27
C ILE A 219 16.27 -17.51 -17.28
N GLU A 220 17.09 -17.77 -18.28
CA GLU A 220 17.35 -16.72 -19.30
C GLU A 220 16.07 -16.30 -20.03
N GLU A 221 15.25 -17.28 -20.38
CA GLU A 221 13.98 -17.05 -21.06
C GLU A 221 13.01 -16.20 -20.23
N LEU A 222 12.96 -16.47 -18.95
CA LEU A 222 12.05 -15.79 -18.04
C LEU A 222 12.58 -14.40 -17.72
N TYR A 223 13.88 -14.27 -17.66
CA TYR A 223 14.46 -12.96 -17.38
C TYR A 223 14.17 -11.95 -18.51
N LYS A 224 14.17 -12.44 -19.76
CA LYS A 224 13.82 -11.61 -20.93
C LYS A 224 12.44 -11.03 -20.75
N LEU A 225 11.56 -11.74 -20.05
CA LEU A 225 10.21 -11.22 -19.83
C LEU A 225 10.06 -10.22 -18.70
N GLY A 226 11.16 -9.93 -18.02
CA GLY A 226 11.17 -8.96 -16.89
C GLY A 226 11.04 -9.57 -15.48
N VAL A 227 11.06 -10.91 -15.39
CA VAL A 227 11.03 -11.58 -14.07
C VAL A 227 12.26 -11.15 -13.25
N ASN A 228 12.07 -10.79 -11.98
CA ASN A 228 13.12 -10.23 -11.15
C ASN A 228 13.98 -11.28 -10.48
N ALA A 229 13.38 -12.42 -10.15
CA ALA A 229 14.08 -13.41 -9.32
C ALA A 229 13.43 -14.77 -9.50
N PHE A 230 14.13 -15.84 -9.11
CA PHE A 230 13.72 -17.20 -9.43
C PHE A 230 13.81 -18.03 -8.17
N GLU A 231 12.66 -18.53 -7.74
CA GLU A 231 12.61 -19.47 -6.64
C GLU A 231 12.92 -20.87 -7.25
N ILE A 232 13.92 -21.54 -6.69
CA ILE A 232 14.34 -22.82 -7.20
C ILE A 232 14.50 -23.74 -5.98
N GLY A 233 13.72 -24.84 -5.96
CA GLY A 233 13.69 -25.70 -4.79
C GLY A 233 14.13 -27.07 -5.17
N THR A 234 13.28 -27.81 -5.82
CA THR A 234 13.65 -29.22 -5.94
C THR A 234 14.95 -29.54 -6.66
N SER A 235 15.28 -28.82 -7.74
CA SER A 235 16.49 -29.21 -8.46
C SER A 235 17.72 -28.94 -7.58
N LEU A 236 17.69 -27.84 -6.79
CA LEU A 236 18.75 -27.53 -5.83
C LEU A 236 18.79 -28.48 -4.61
N MET A 237 17.63 -28.91 -4.10
CA MET A 237 17.65 -29.97 -3.08
C MET A 237 18.27 -31.26 -3.59
N ARG A 238 18.03 -31.62 -4.85
CA ARG A 238 18.59 -32.88 -5.40
C ARG A 238 20.08 -32.71 -5.77
N ASN A 239 20.47 -31.56 -6.33
CA ASN A 239 21.92 -31.27 -6.58
C ASN A 239 22.25 -29.82 -6.29
N PRO A 240 22.67 -29.54 -5.07
CA PRO A 240 22.91 -28.13 -4.71
C PRO A 240 24.01 -27.45 -5.56
N GLU A 241 24.95 -28.27 -6.04
CA GLU A 241 26.05 -27.81 -6.92
C GLU A 241 25.55 -27.08 -8.20
N LYS A 242 24.27 -27.23 -8.57
CA LYS A 242 23.79 -26.53 -9.75
C LYS A 242 23.56 -25.09 -9.51
N ILE A 243 23.69 -24.62 -8.27
CA ILE A 243 23.54 -23.18 -8.06
C ILE A 243 24.54 -22.41 -8.96
N LYS A 244 25.70 -22.99 -9.17
CA LYS A 244 26.67 -22.30 -10.01
C LYS A 244 26.17 -22.12 -11.48
N GLU A 245 25.50 -23.13 -12.08
CA GLU A 245 24.95 -22.98 -13.43
C GLU A 245 23.86 -21.92 -13.42
N PHE A 246 23.14 -21.79 -12.33
CA PHE A 246 22.02 -20.82 -12.28
C PHE A 246 22.46 -19.39 -12.08
N ILE A 247 23.59 -19.16 -11.44
CA ILE A 247 23.98 -17.78 -11.15
C ILE A 247 25.12 -17.24 -12.03
N GLN A 248 25.99 -18.13 -12.53
CA GLN A 248 27.03 -17.79 -13.53
C GLN A 248 26.37 -17.07 -14.69
N PRO B 2 11.22 20.74 1.19
CA PRO B 2 10.34 20.53 0.04
C PRO B 2 11.14 20.37 -1.23
N ARG B 3 10.50 19.87 -2.28
CA ARG B 3 11.14 19.77 -3.60
C ARG B 3 11.51 21.19 -4.12
N TYR B 4 12.40 21.23 -5.12
CA TYR B 4 12.69 22.50 -5.82
C TYR B 4 11.45 22.78 -6.63
N LEU B 5 11.00 24.03 -6.62
CA LEU B 5 9.68 24.34 -7.18
C LEU B 5 9.81 25.65 -7.87
N LYS B 6 8.85 26.02 -8.70
CA LYS B 6 8.89 27.33 -9.37
C LYS B 6 7.53 27.96 -9.29
N GLY B 7 7.46 29.24 -9.65
CA GLY B 7 6.14 29.91 -9.73
C GLY B 7 5.43 30.12 -8.42
N TRP B 8 4.10 30.05 -8.47
CA TRP B 8 3.30 30.39 -7.30
C TRP B 8 3.55 29.39 -6.14
N LEU B 9 3.77 28.12 -6.50
CA LEU B 9 4.08 27.07 -5.50
C LEU B 9 5.35 27.36 -4.70
N GLU B 10 6.39 27.87 -5.36
CA GLU B 10 7.64 28.21 -4.70
C GLU B 10 7.38 29.34 -3.69
N ASP B 11 6.52 30.30 -4.07
CA ASP B 11 6.10 31.42 -3.20
C ASP B 11 5.35 30.85 -1.98
N VAL B 12 4.32 30.04 -2.21
CA VAL B 12 3.52 29.54 -1.07
C VAL B 12 4.37 28.66 -0.13
N VAL B 13 5.24 27.81 -0.69
CA VAL B 13 6.11 27.00 0.15
C VAL B 13 7.01 27.85 1.07
N GLN B 14 7.51 28.95 0.58
CA GLN B 14 8.35 29.80 1.46
C GLN B 14 7.48 30.39 2.50
N ARG B 15 6.23 30.71 2.14
CA ARG B 15 5.33 31.42 3.03
C ARG B 15 4.96 30.43 4.14
N SER B 16 4.75 29.16 3.74
CA SER B 16 4.43 28.13 4.71
C SER B 16 5.63 27.90 5.67
N GLN B 17 6.82 27.80 5.09
CA GLN B 17 8.01 27.66 5.89
C GLN B 17 8.10 28.77 6.94
N ARG B 18 7.76 30.00 6.59
CA ARG B 18 7.93 31.19 7.53
C ARG B 18 6.77 31.32 8.51
N ARG B 19 5.69 30.57 8.30
CA ARG B 19 4.45 30.85 9.01
C ARG B 19 4.54 30.52 10.49
N PRO B 20 4.23 31.49 11.37
CA PRO B 20 4.38 31.22 12.77
C PRO B 20 3.28 30.29 13.22
N SER B 21 3.64 29.50 14.22
CA SER B 21 2.75 28.59 14.88
C SER B 21 1.64 29.42 15.62
N VAL B 22 0.39 28.94 15.60
CA VAL B 22 -0.71 29.81 16.05
C VAL B 22 -1.09 29.48 17.52
N ARG B 23 -1.54 30.50 18.25
CA ARG B 23 -2.20 30.37 19.52
C ARG B 23 -3.62 29.88 19.35
N ALA B 24 -3.90 28.65 19.78
CA ALA B 24 -5.22 28.02 19.63
C ALA B 24 -5.26 26.75 20.47
N SER B 25 -6.46 26.32 20.83
CA SER B 25 -6.56 24.98 21.41
C SER B 25 -7.91 24.38 21.08
N ARG B 26 -7.91 23.09 20.79
CA ARG B 26 -9.03 22.47 20.10
C ARG B 26 -10.14 22.22 21.12
N GLN B 27 -11.37 22.07 20.67
CA GLN B 27 -12.53 22.03 21.59
C GLN B 27 -13.26 20.69 21.66
N ARG B 28 -12.79 19.71 20.87
CA ARG B 28 -13.33 18.35 20.88
C ARG B 28 -12.26 17.43 20.31
N PRO B 29 -12.33 16.12 20.63
CA PRO B 29 -11.38 15.13 20.03
C PRO B 29 -11.47 15.02 18.48
N ILE B 30 -10.40 14.56 17.87
CA ILE B 30 -10.40 14.22 16.49
C ILE B 30 -11.52 13.23 16.14
N ILE B 31 -12.24 13.52 15.09
CA ILE B 31 -13.12 12.58 14.41
C ILE B 31 -12.45 12.26 13.07
N SER B 32 -12.21 10.97 12.83
CA SER B 32 -11.54 10.58 11.61
C SER B 32 -12.40 10.84 10.38
N LEU B 33 -11.89 11.66 9.49
CA LEU B 33 -12.51 11.92 8.19
C LEU B 33 -12.52 10.62 7.37
N LYS B 34 -11.42 9.90 7.36
CA LYS B 34 -11.35 8.68 6.56
C LYS B 34 -12.38 7.68 7.05
N GLU B 35 -12.45 7.51 8.34
CA GLU B 35 -13.42 6.58 8.89
C GLU B 35 -14.86 7.02 8.59
N ARG B 36 -15.15 8.32 8.66
CA ARG B 36 -16.51 8.78 8.40
C ARG B 36 -16.94 8.57 6.96
N ILE B 37 -15.99 8.73 6.04
CA ILE B 37 -16.20 8.36 4.63
C ILE B 37 -16.55 6.89 4.54
N LEU B 38 -15.80 6.04 5.24
CA LEU B 38 -16.14 4.61 5.20
C LEU B 38 -17.53 4.35 5.73
N GLU B 39 -17.91 5.02 6.81
CA GLU B 39 -19.24 4.87 7.37
C GLU B 39 -20.26 5.36 6.37
N PHE B 40 -20.01 6.46 5.64
CA PHE B 40 -21.01 6.90 4.64
C PHE B 40 -21.14 5.84 3.56
N ASN B 41 -20.02 5.24 3.17
CA ASN B 41 -20.04 4.23 2.10
C ASN B 41 -20.91 3.04 2.47
N LYS B 42 -20.76 2.61 3.71
CA LYS B 42 -21.47 1.44 4.21
C LYS B 42 -22.98 1.74 4.30
N ARG B 43 -23.36 2.95 4.74
CA ARG B 43 -24.74 3.38 4.82
C ARG B 43 -25.38 3.76 3.45
N ASN B 44 -24.60 3.66 2.36
CA ASN B 44 -25.07 4.03 1.02
C ASN B 44 -25.45 5.52 0.92
N ILE B 45 -24.70 6.38 1.61
CA ILE B 45 -24.93 7.83 1.58
C ILE B 45 -23.77 8.40 0.78
N THR B 46 -24.07 9.19 -0.24
CA THR B 46 -23.08 10.00 -0.91
C THR B 46 -22.21 10.86 0.06
N ALA B 47 -20.88 10.71 -0.08
CA ALA B 47 -19.89 11.42 0.75
C ALA B 47 -19.28 12.64 0.05
N ILE B 48 -19.68 13.83 0.45
CA ILE B 48 -19.22 15.04 -0.21
C ILE B 48 -18.40 15.82 0.80
N MET B 49 -17.17 16.18 0.43
CA MET B 49 -16.38 17.05 1.29
C MET B 49 -16.43 18.44 0.68
N ALA B 50 -17.30 19.32 1.18
CA ALA B 50 -17.39 20.67 0.61
C ALA B 50 -16.15 21.44 1.04
N VAL B 51 -15.61 22.31 0.14
CA VAL B 51 -14.48 23.14 0.46
C VAL B 51 -14.96 24.57 0.70
N TYR B 52 -14.44 25.22 1.75
CA TYR B 52 -14.64 26.67 1.92
C TYR B 52 -13.39 27.40 1.43
N LYS B 53 -13.57 28.27 0.45
CA LYS B 53 -12.48 29.16 -0.02
C LYS B 53 -13.07 30.38 -0.72
N ARG B 54 -12.57 31.53 -0.34
CA ARG B 54 -13.01 32.78 -0.90
C ARG B 54 -12.32 33.03 -2.23
N LYS B 55 -11.10 32.55 -2.40
CA LYS B 55 -10.43 32.79 -3.65
C LYS B 55 -9.70 31.52 -4.05
N SER B 56 -9.32 31.43 -5.34
CA SER B 56 -8.42 30.36 -5.75
C SER B 56 -7.43 30.96 -6.75
N PRO B 57 -6.23 30.34 -6.90
CA PRO B 57 -5.29 30.87 -7.88
C PRO B 57 -5.83 30.77 -9.30
N SER B 58 -6.82 29.92 -9.54
CA SER B 58 -7.38 29.90 -10.87
C SER B 58 -8.53 30.91 -11.02
N GLY B 59 -8.77 31.72 -10.00
CA GLY B 59 -9.53 32.96 -10.21
C GLY B 59 -10.86 33.09 -9.47
N LEU B 60 -11.33 32.04 -8.80
CA LEU B 60 -12.56 32.12 -8.00
C LEU B 60 -12.40 33.34 -7.07
N ASP B 61 -13.47 34.10 -6.85
CA ASP B 61 -13.38 35.23 -5.91
C ASP B 61 -14.79 35.47 -5.42
N VAL B 62 -15.08 35.02 -4.22
CA VAL B 62 -16.43 35.19 -3.68
C VAL B 62 -16.32 35.57 -2.20
N GLU B 63 -17.30 36.27 -1.65
CA GLU B 63 -17.30 36.52 -0.24
C GLU B 63 -18.51 35.71 0.27
N ARG B 64 -18.32 34.92 1.32
CA ARG B 64 -19.37 34.15 1.91
C ARG B 64 -18.96 33.99 3.39
N ASP B 65 -19.88 34.19 4.33
CA ASP B 65 -19.52 33.99 5.73
C ASP B 65 -19.17 32.51 6.02
N PRO B 66 -17.95 32.26 6.54
CA PRO B 66 -17.50 30.88 6.77
C PRO B 66 -18.38 30.07 7.69
N ILE B 67 -18.81 30.63 8.81
CA ILE B 67 -19.64 29.90 9.71
C ILE B 67 -20.99 29.58 9.10
N GLU B 68 -21.60 30.53 8.43
CA GLU B 68 -22.91 30.21 7.80
C GLU B 68 -22.79 29.17 6.71
N TYR B 69 -21.71 29.23 5.92
CA TYR B 69 -21.53 28.21 4.91
C TYR B 69 -21.38 26.79 5.54
N ALA B 70 -20.52 26.69 6.57
CA ALA B 70 -20.28 25.44 7.29
C ALA B 70 -21.57 24.94 7.91
N LYS B 71 -22.32 25.82 8.53
CA LYS B 71 -23.58 25.35 9.14
C LYS B 71 -24.59 24.93 8.12
N PHE B 72 -24.60 25.58 6.96
CA PHE B 72 -25.50 25.16 5.90
C PHE B 72 -25.16 23.73 5.42
N MET B 73 -23.88 23.48 5.20
CA MET B 73 -23.35 22.24 4.66
C MET B 73 -23.33 21.11 5.68
N GLU B 74 -23.22 21.45 6.98
CA GLU B 74 -23.09 20.45 8.05
C GLU B 74 -23.98 19.18 7.87
N ARG B 75 -25.28 19.34 7.65
CA ARG B 75 -26.11 18.13 7.64
C ARG B 75 -25.96 17.31 6.38
N GLY B 76 -25.33 17.89 5.35
CA GLY B 76 -25.23 17.20 4.05
C GLY B 76 -23.88 16.57 3.74
N VAL B 77 -22.82 17.04 4.40
CA VAL B 77 -21.48 16.66 4.01
C VAL B 77 -20.92 15.56 4.90
N VAL B 78 -19.94 14.87 4.35
CA VAL B 78 -19.18 13.87 5.08
C VAL B 78 -18.16 14.63 5.91
N GLY B 79 -17.73 15.78 5.39
CA GLY B 79 -16.77 16.67 6.08
C GLY B 79 -16.58 17.97 5.32
N LEU B 80 -15.75 18.86 5.85
CA LEU B 80 -15.40 20.11 5.19
C LEU B 80 -13.88 20.25 5.12
N ALA B 81 -13.40 20.87 4.04
CA ALA B 81 -12.01 21.24 3.83
C ALA B 81 -12.03 22.75 3.89
N ILE B 82 -11.23 23.32 4.77
CA ILE B 82 -11.19 24.73 4.95
C ILE B 82 -9.81 25.26 4.51
N LEU B 83 -9.84 26.19 3.57
CA LEU B 83 -8.60 26.87 3.12
C LEU B 83 -7.99 27.70 4.23
N THR B 84 -6.70 27.49 4.48
CA THR B 84 -5.99 28.31 5.46
C THR B 84 -4.79 28.98 4.80
N GLU B 85 -4.49 28.59 3.56
CA GLU B 85 -3.47 29.34 2.77
C GLU B 85 -3.83 30.81 2.56
N GLU B 86 -2.90 31.74 2.81
CA GLU B 86 -3.33 33.15 2.90
C GLU B 86 -3.30 33.97 1.61
N LYS B 87 -2.30 33.78 0.77
CA LYS B 87 -2.20 34.69 -0.34
C LYS B 87 -3.04 34.31 -1.55
N TYR B 88 -3.06 33.05 -1.95
CA TYR B 88 -3.70 32.73 -3.22
C TYR B 88 -5.14 32.35 -2.99
N PHE B 89 -5.50 31.94 -1.78
CA PHE B 89 -6.84 31.52 -1.53
C PHE B 89 -7.53 32.43 -0.55
N ASN B 90 -6.82 33.44 -0.04
CA ASN B 90 -7.41 34.35 0.97
C ASN B 90 -8.01 33.68 2.19
N GLY B 91 -7.38 32.58 2.63
CA GLY B 91 -7.85 31.81 3.77
C GLY B 91 -7.12 32.32 5.02
N SER B 92 -7.50 31.84 6.19
CA SER B 92 -6.69 32.11 7.38
C SER B 92 -6.96 31.05 8.38
N TYR B 93 -6.08 30.91 9.35
CA TYR B 93 -6.34 30.03 10.48
C TYR B 93 -7.62 30.43 11.21
N GLU B 94 -7.96 31.72 11.22
CA GLU B 94 -9.21 32.13 11.88
C GLU B 94 -10.47 31.50 11.26
N ASP B 95 -10.50 31.33 9.96
CA ASP B 95 -11.60 30.58 9.33
C ASP B 95 -11.76 29.19 9.90
N LEU B 96 -10.65 28.44 9.96
CA LEU B 96 -10.68 27.05 10.51
C LEU B 96 -11.10 27.07 11.98
N ARG B 97 -10.50 27.97 12.75
CA ARG B 97 -10.84 28.10 14.18
C ARG B 97 -12.33 28.28 14.37
N LYS B 98 -12.92 29.19 13.61
CA LYS B 98 -14.36 29.46 13.76
C LYS B 98 -15.19 28.25 13.32
N ILE B 99 -14.87 27.69 12.17
CA ILE B 99 -15.69 26.57 11.69
C ILE B 99 -15.60 25.29 12.50
N ALA B 100 -14.37 24.85 12.79
CA ALA B 100 -14.12 23.64 13.56
C ALA B 100 -14.74 23.71 14.93
N SER B 101 -14.94 24.90 15.50
CA SER B 101 -15.59 25.01 16.79
C SER B 101 -17.11 25.23 16.67
N SER B 102 -17.64 25.32 15.44
CA SER B 102 -19.04 25.66 15.22
C SER B 102 -19.87 24.56 14.59
N VAL B 103 -19.21 23.58 13.98
CA VAL B 103 -19.95 22.46 13.41
C VAL B 103 -19.35 21.15 13.96
N SER B 104 -20.13 20.08 13.85
CA SER B 104 -19.83 18.74 14.33
C SER B 104 -19.18 17.81 13.30
N VAL B 105 -19.01 18.18 12.04
CA VAL B 105 -18.45 17.22 11.06
C VAL B 105 -16.92 17.29 11.01
N PRO B 106 -16.25 16.21 10.54
CA PRO B 106 -14.79 16.27 10.49
C PRO B 106 -14.25 17.32 9.54
N ILE B 107 -13.05 17.82 9.83
CA ILE B 107 -12.54 18.95 9.11
C ILE B 107 -11.16 18.65 8.56
N LEU B 108 -10.95 18.88 7.26
CA LEU B 108 -9.61 18.83 6.73
C LEU B 108 -9.06 20.26 6.60
N MET B 109 -7.88 20.48 7.12
CA MET B 109 -7.27 21.81 6.94
C MET B 109 -6.57 21.76 5.59
N TRP B 110 -6.96 22.62 4.66
CA TRP B 110 -6.46 22.56 3.25
C TRP B 110 -5.41 23.69 3.20
N ASP B 111 -4.16 23.31 2.98
CA ASP B 111 -3.07 24.26 3.01
C ASP B 111 -1.87 23.54 2.41
N ILE B 112 -0.77 24.24 2.27
CA ILE B 112 0.44 23.61 1.72
C ILE B 112 1.32 23.31 2.90
N ILE B 113 1.28 22.06 3.37
CA ILE B 113 2.02 21.64 4.54
C ILE B 113 3.48 21.38 4.16
N VAL B 114 4.42 22.08 4.81
CA VAL B 114 5.87 21.81 4.57
C VAL B 114 6.61 21.42 5.84
N LYS B 115 5.95 21.57 7.01
CA LYS B 115 6.65 21.45 8.30
C LYS B 115 5.69 20.93 9.39
N GLU B 116 6.25 20.26 10.43
CA GLU B 116 5.46 19.80 11.62
C GLU B 116 4.59 20.86 12.28
N SER B 117 5.10 22.08 12.47
CA SER B 117 4.30 23.04 13.25
C SER B 117 2.97 23.40 12.53
N GLN B 118 2.86 23.18 11.22
CA GLN B 118 1.60 23.46 10.56
C GLN B 118 0.61 22.36 10.87
N ILE B 119 1.10 21.13 10.99
CA ILE B 119 0.25 20.05 11.50
C ILE B 119 -0.20 20.31 12.97
N ASP B 120 0.72 20.77 13.80
CA ASP B 120 0.33 21.23 15.14
C ASP B 120 -0.75 22.31 15.07
N ASP B 121 -0.60 23.27 14.14
CA ASP B 121 -1.60 24.31 13.99
C ASP B 121 -2.94 23.70 13.65
N ALA B 122 -2.97 22.81 12.65
CA ALA B 122 -4.21 22.18 12.30
C ALA B 122 -4.87 21.53 13.53
N TYR B 123 -4.07 20.75 14.21
CA TYR B 123 -4.51 20.09 15.45
C TYR B 123 -5.10 21.06 16.48
N ASN B 124 -4.31 22.12 16.80
CA ASN B 124 -4.70 23.10 17.83
C ASN B 124 -5.87 23.93 17.37
N LEU B 125 -6.04 24.06 16.07
CA LEU B 125 -7.21 24.84 15.59
C LEU B 125 -8.52 24.03 15.50
N GLY B 126 -8.47 22.72 15.66
CA GLY B 126 -9.66 21.88 15.65
C GLY B 126 -9.81 20.99 14.43
N ALA B 127 -8.82 20.98 13.53
CA ALA B 127 -8.96 20.14 12.31
C ALA B 127 -8.78 18.66 12.69
N ASP B 128 -9.35 17.77 11.89
CA ASP B 128 -9.17 16.33 12.12
C ASP B 128 -8.12 15.72 11.21
N THR B 129 -7.74 16.46 10.17
CA THR B 129 -6.73 15.97 9.30
C THR B 129 -6.19 17.08 8.40
N VAL B 130 -5.16 16.74 7.62
CA VAL B 130 -4.44 17.68 6.76
C VAL B 130 -4.20 16.90 5.47
N GLY B 131 -3.76 17.62 4.43
CA GLY B 131 -3.35 16.93 3.19
C GLY B 131 -1.86 17.17 3.08
N LEU B 132 -1.19 16.19 2.52
CA LEU B 132 0.25 16.26 2.21
C LEU B 132 0.38 15.98 0.70
N ILE B 133 1.06 16.90 0.00
CA ILE B 133 1.04 16.92 -1.47
C ILE B 133 2.33 16.31 -2.00
N VAL B 134 2.22 15.20 -2.73
CA VAL B 134 3.41 14.58 -3.24
C VAL B 134 4.26 15.50 -4.13
N LYS B 135 3.61 16.32 -4.92
CA LYS B 135 4.37 17.20 -5.78
C LYS B 135 5.23 18.27 -5.02
N ILE B 136 4.87 18.54 -3.77
CA ILE B 136 5.56 19.57 -3.03
C ILE B 136 6.68 18.95 -2.18
N LEU B 137 6.47 17.73 -1.68
CA LEU B 137 7.39 17.12 -0.66
C LEU B 137 8.16 15.95 -1.18
N THR B 138 9.40 15.81 -0.70
CA THR B 138 10.23 14.68 -1.07
C THR B 138 9.62 13.43 -0.42
N GLU B 139 10.00 12.26 -0.91
CA GLU B 139 9.55 11.05 -0.28
C GLU B 139 9.93 11.00 1.19
N ARG B 140 11.12 11.46 1.55
CA ARG B 140 11.56 11.35 2.96
C ARG B 140 10.66 12.28 3.83
N GLU B 141 10.31 13.46 3.31
CA GLU B 141 9.53 14.46 4.08
C GLU B 141 8.10 13.93 4.18
N LEU B 142 7.58 13.32 3.11
CA LEU B 142 6.21 12.72 3.18
C LEU B 142 6.12 11.68 4.26
N GLU B 143 7.14 10.80 4.32
CA GLU B 143 7.13 9.73 5.35
C GLU B 143 7.12 10.32 6.73
N SER B 144 7.95 11.33 6.91
CA SER B 144 8.11 11.93 8.22
C SER B 144 6.82 12.69 8.65
N LEU B 145 6.23 13.46 7.73
CA LEU B 145 5.05 14.21 8.07
C LEU B 145 3.83 13.35 8.23
N LEU B 146 3.75 12.29 7.41
CA LEU B 146 2.70 11.26 7.54
C LEU B 146 2.74 10.68 8.95
N GLU B 147 3.92 10.22 9.37
CA GLU B 147 4.09 9.61 10.70
C GLU B 147 3.80 10.66 11.79
N TYR B 148 4.23 11.90 11.59
CA TYR B 148 3.95 12.91 12.61
C TYR B 148 2.43 13.14 12.81
N ALA B 149 1.72 13.42 11.71
CA ALA B 149 0.23 13.50 11.73
C ALA B 149 -0.40 12.30 12.44
N ARG B 150 -0.02 11.10 12.02
CA ARG B 150 -0.50 9.89 12.76
C ARG B 150 -0.21 9.93 14.26
N SER B 151 1.01 10.34 14.67
CA SER B 151 1.29 10.47 16.11
C SER B 151 0.33 11.46 16.84
N LEU B 152 -0.38 12.33 16.12
CA LEU B 152 -1.33 13.26 16.76
C LEU B 152 -2.74 12.66 16.63
N GLY B 153 -2.85 11.48 16.01
CA GLY B 153 -4.16 10.85 15.80
C GLY B 153 -4.93 11.20 14.51
N MET B 154 -4.24 11.76 13.53
CA MET B 154 -4.83 12.16 12.24
C MET B 154 -4.40 11.20 11.15
N GLU B 155 -5.28 10.84 10.23
CA GLU B 155 -4.86 10.11 9.04
C GLU B 155 -4.95 11.11 7.89
N PRO B 156 -3.81 11.62 7.42
CA PRO B 156 -3.72 12.64 6.41
C PRO B 156 -4.15 12.04 5.09
N ALA B 157 -4.70 12.91 4.25
CA ALA B 157 -4.93 12.58 2.84
C ALA B 157 -3.64 12.90 2.07
N ILE B 158 -3.17 11.99 1.26
CA ILE B 158 -1.99 12.20 0.47
C ILE B 158 -2.50 12.58 -0.90
N VAL B 159 -2.07 13.72 -1.40
CA VAL B 159 -2.62 14.35 -2.60
C VAL B 159 -1.75 14.03 -3.79
N ILE B 160 -2.34 13.41 -4.79
CA ILE B 160 -1.58 12.99 -5.96
C ILE B 160 -2.19 13.53 -7.23
N HIS B 161 -1.38 13.73 -8.27
N HIS B 161 -1.32 13.76 -8.21
CA HIS B 161 -1.92 14.15 -9.56
CA HIS B 161 -1.72 14.33 -9.50
C HIS B 161 -1.58 13.20 -10.70
C HIS B 161 -1.48 13.35 -10.70
N ASP B 162 -0.51 12.43 -10.55
CA ASP B 162 -0.12 11.56 -11.63
C ASP B 162 0.42 10.25 -11.09
N GLU B 163 0.77 9.31 -11.96
CA GLU B 163 1.27 8.01 -11.51
C GLU B 163 2.55 8.03 -10.72
N ASN B 164 3.51 8.85 -11.10
CA ASN B 164 4.68 9.00 -10.20
C ASN B 164 4.25 9.36 -8.76
N ASP B 165 3.29 10.29 -8.62
CA ASP B 165 2.83 10.66 -7.27
C ASP B 165 2.22 9.45 -6.60
N LEU B 166 1.44 8.69 -7.34
CA LEU B 166 0.73 7.58 -6.76
C LEU B 166 1.74 6.55 -6.34
N ASP B 167 2.77 6.29 -7.17
CA ASP B 167 3.76 5.28 -6.79
C ASP B 167 4.41 5.61 -5.43
N ILE B 168 4.76 6.89 -5.25
CA ILE B 168 5.26 7.38 -3.95
C ILE B 168 4.25 7.18 -2.82
N ALA B 169 2.99 7.60 -3.03
CA ALA B 169 1.94 7.53 -2.01
C ALA B 169 1.75 6.10 -1.55
N LEU B 170 1.76 5.15 -2.47
CA LEU B 170 1.57 3.75 -2.03
C LEU B 170 2.81 3.22 -1.33
N ARG B 171 4.02 3.58 -1.84
CA ARG B 171 5.30 3.16 -1.22
C ARG B 171 5.36 3.63 0.22
N ILE B 172 4.94 4.87 0.50
CA ILE B 172 4.96 5.33 1.88
C ILE B 172 3.83 4.77 2.79
N GLY B 173 2.89 4.04 2.22
CA GLY B 173 1.86 3.39 3.02
C GLY B 173 0.63 4.26 3.24
N ALA B 174 0.33 5.14 2.26
CA ALA B 174 -0.88 6.00 2.36
C ALA B 174 -2.10 5.11 2.50
N ARG B 175 -3.08 5.63 3.23
CA ARG B 175 -4.35 4.91 3.42
C ARG B 175 -5.53 5.75 2.95
N PHE B 176 -5.24 6.97 2.50
CA PHE B 176 -6.23 7.98 2.25
C PHE B 176 -5.59 8.89 1.21
N ILE B 177 -6.20 8.94 0.03
CA ILE B 177 -5.61 9.61 -1.12
C ILE B 177 -6.66 10.51 -1.72
N ILE B 178 -6.23 11.73 -2.04
CA ILE B 178 -6.96 12.60 -2.86
C ILE B 178 -6.31 12.65 -4.23
N ILE B 179 -7.09 12.33 -5.23
CA ILE B 179 -6.66 12.38 -6.60
C ILE B 179 -7.17 13.68 -7.25
N THR B 180 -6.31 14.68 -7.42
CA THR B 180 -6.68 15.94 -8.03
C THR B 180 -6.41 15.95 -9.48
N SER B 181 -7.36 16.51 -10.23
CA SER B 181 -7.18 16.76 -11.65
C SER B 181 -6.70 18.20 -11.89
N HIS B 182 -6.40 18.91 -10.82
CA HIS B 182 -5.93 20.24 -10.90
C HIS B 182 -4.44 20.19 -11.16
N ASP B 183 -3.98 20.69 -12.29
CA ASP B 183 -2.56 20.78 -12.56
C ASP B 183 -1.93 21.84 -11.64
N LEU B 184 -1.11 21.44 -10.68
CA LEU B 184 -0.77 22.34 -9.58
C LEU B 184 0.05 23.50 -10.10
N GLU B 185 0.70 23.30 -11.25
CA GLU B 185 1.60 24.26 -11.91
C GLU B 185 0.77 25.21 -12.68
N THR B 186 0.06 24.70 -13.68
CA THR B 186 -0.61 25.58 -14.63
C THR B 186 -2.06 25.88 -14.30
N LEU B 187 -2.59 25.34 -13.19
CA LEU B 187 -3.97 25.66 -12.70
C LEU B 187 -5.24 25.15 -13.51
N GLU B 188 -5.01 24.32 -14.52
CA GLU B 188 -6.10 23.87 -15.39
C GLU B 188 -6.50 22.47 -14.94
N ILE B 189 -7.81 22.21 -14.87
CA ILE B 189 -8.36 20.84 -14.59
C ILE B 189 -8.04 19.96 -15.78
N ASN B 190 -7.41 18.81 -15.51
CA ASN B 190 -7.08 17.87 -16.58
C ASN B 190 -7.44 16.46 -16.18
N ASN B 191 -8.53 15.96 -16.73
CA ASN B 191 -9.09 14.67 -16.35
C ASN B 191 -8.57 13.48 -17.17
N GLU B 192 -7.56 13.71 -18.03
CA GLU B 192 -7.11 12.68 -18.98
C GLU B 192 -6.64 11.36 -18.32
N ASN B 193 -6.16 11.42 -17.09
CA ASN B 193 -5.64 10.25 -16.39
C ASN B 193 -6.46 9.84 -15.19
N GLN B 194 -7.60 10.50 -14.97
CA GLN B 194 -8.33 10.33 -13.74
C GLN B 194 -8.75 8.87 -13.65
N ARG B 195 -9.26 8.35 -14.74
CA ARG B 195 -9.78 7.02 -14.78
C ARG B 195 -8.67 5.99 -14.49
N LYS B 196 -7.60 6.05 -15.24
CA LYS B 196 -6.43 5.25 -15.00
C LYS B 196 -5.90 5.37 -13.55
N LEU B 197 -5.67 6.57 -13.03
CA LEU B 197 -5.17 6.68 -11.64
C LEU B 197 -6.07 5.98 -10.61
N ILE B 198 -7.38 6.24 -10.72
CA ILE B 198 -8.38 5.64 -9.80
C ILE B 198 -8.29 4.11 -9.86
N SER B 199 -8.16 3.58 -11.06
CA SER B 199 -8.07 2.14 -11.20
C SER B 199 -6.79 1.56 -10.62
N MET B 200 -5.75 2.37 -10.41
CA MET B 200 -4.52 1.87 -9.83
C MET B 200 -4.44 2.00 -8.32
N ILE B 201 -5.52 2.43 -7.66
CA ILE B 201 -5.44 2.53 -6.23
C ILE B 201 -5.89 1.22 -5.54
N PRO B 202 -5.05 0.65 -4.68
CA PRO B 202 -5.55 -0.63 -4.14
C PRO B 202 -6.72 -0.54 -3.12
N SER B 203 -7.24 -1.69 -2.75
CA SER B 203 -8.44 -1.80 -1.90
C SER B 203 -8.29 -1.29 -0.44
N ASN B 204 -7.06 -1.17 0.08
CA ASN B 204 -6.92 -0.69 1.45
C ASN B 204 -6.87 0.86 1.53
N VAL B 205 -7.15 1.55 0.43
CA VAL B 205 -7.00 3.03 0.41
C VAL B 205 -8.30 3.68 0.09
N VAL B 206 -8.72 4.65 0.90
CA VAL B 206 -9.93 5.40 0.69
C VAL B 206 -9.55 6.50 -0.30
N LYS B 207 -10.35 6.63 -1.36
CA LYS B 207 -10.02 7.55 -2.43
C LYS B 207 -11.09 8.61 -2.60
N VAL B 208 -10.60 9.83 -2.70
CA VAL B 208 -11.39 11.07 -2.87
C VAL B 208 -10.94 11.75 -4.17
N VAL B 209 -11.89 12.25 -4.93
CA VAL B 209 -11.59 12.93 -6.15
C VAL B 209 -11.87 14.43 -6.00
N ALA B 210 -10.94 15.24 -6.48
CA ALA B 210 -11.14 16.69 -6.61
C ALA B 210 -10.90 17.06 -8.10
N SER B 211 -11.92 17.58 -8.77
CA SER B 211 -11.76 17.84 -10.19
C SER B 211 -12.77 18.83 -10.76
N GLY B 212 -13.14 19.85 -9.98
CA GLY B 212 -14.06 20.84 -10.49
C GLY B 212 -15.46 20.30 -10.76
N ILE B 213 -15.85 19.35 -9.93
CA ILE B 213 -17.13 18.66 -10.07
C ILE B 213 -18.24 19.67 -9.93
N SER B 214 -19.22 19.62 -10.82
CA SER B 214 -20.35 20.55 -10.75
C SER B 214 -21.67 19.85 -11.02
N GLU B 215 -21.64 18.54 -11.34
CA GLU B 215 -22.88 17.85 -11.75
C GLU B 215 -23.02 16.51 -11.02
N ARG B 216 -24.24 16.18 -10.56
CA ARG B 216 -24.54 14.83 -10.01
C ARG B 216 -24.03 13.67 -10.94
N ASN B 217 -24.26 13.77 -12.24
CA ASN B 217 -23.83 12.72 -13.20
C ASN B 217 -22.31 12.45 -13.11
N GLU B 218 -21.50 13.48 -12.77
CA GLU B 218 -20.03 13.26 -12.67
C GLU B 218 -19.69 12.39 -11.44
N ILE B 219 -20.36 12.68 -10.32
CA ILE B 219 -20.25 11.90 -9.09
C ILE B 219 -20.75 10.48 -9.39
N GLU B 220 -21.87 10.38 -10.07
CA GLU B 220 -22.39 9.07 -10.48
C GLU B 220 -21.30 8.24 -11.22
N GLU B 221 -20.65 8.87 -12.20
CA GLU B 221 -19.72 8.11 -13.05
C GLU B 221 -18.49 7.64 -12.27
N LEU B 222 -18.00 8.52 -11.40
CA LEU B 222 -16.82 8.31 -10.56
C LEU B 222 -17.09 7.27 -9.46
N TYR B 223 -18.28 7.32 -8.85
CA TYR B 223 -18.69 6.35 -7.87
C TYR B 223 -18.67 4.94 -8.50
N LYS B 224 -19.00 4.81 -9.77
CA LYS B 224 -19.00 3.47 -10.44
C LYS B 224 -17.58 2.91 -10.55
N LEU B 225 -16.59 3.82 -10.47
CA LEU B 225 -15.18 3.39 -10.61
C LEU B 225 -14.60 3.03 -9.22
N GLY B 226 -15.41 3.20 -8.18
CA GLY B 226 -14.98 2.95 -6.82
C GLY B 226 -14.43 4.14 -6.03
N VAL B 227 -14.72 5.36 -6.48
CA VAL B 227 -14.34 6.52 -5.68
C VAL B 227 -15.28 6.54 -4.44
N ASN B 228 -14.67 6.71 -3.28
CA ASN B 228 -15.31 6.74 -1.99
C ASN B 228 -15.95 8.07 -1.62
N ALA B 229 -15.31 9.17 -2.01
CA ALA B 229 -15.83 10.49 -1.62
C ALA B 229 -15.38 11.58 -2.63
N PHE B 230 -16.04 12.74 -2.61
CA PHE B 230 -15.83 13.75 -3.65
C PHE B 230 -15.54 15.06 -2.98
N GLU B 231 -14.38 15.63 -3.26
CA GLU B 231 -14.11 16.98 -2.75
C GLU B 231 -14.70 17.94 -3.78
N ILE B 232 -15.57 18.82 -3.31
CA ILE B 232 -16.23 19.73 -4.24
C ILE B 232 -16.09 21.14 -3.65
N GLY B 233 -15.49 22.04 -4.41
CA GLY B 233 -15.18 23.33 -3.87
C GLY B 233 -15.79 24.45 -4.69
N THR B 234 -15.15 24.77 -5.81
CA THR B 234 -15.67 25.92 -6.55
C THR B 234 -17.18 25.98 -6.87
N SER B 235 -17.77 24.88 -7.36
CA SER B 235 -19.20 24.88 -7.61
C SER B 235 -20.08 25.14 -6.40
N LEU B 236 -19.73 24.58 -5.24
CA LEU B 236 -20.44 24.89 -3.98
C LEU B 236 -20.20 26.30 -3.42
N MET B 237 -18.99 26.84 -3.58
CA MET B 237 -18.75 28.23 -3.16
C MET B 237 -19.60 29.20 -3.97
N ARG B 238 -19.81 28.89 -5.25
CA ARG B 238 -20.69 29.72 -6.09
C ARG B 238 -22.16 29.43 -5.86
N ASN B 239 -22.54 28.15 -5.71
CA ASN B 239 -23.95 27.81 -5.51
C ASN B 239 -24.11 26.78 -4.43
N PRO B 240 -24.12 27.20 -3.15
CA PRO B 240 -24.11 26.17 -2.09
C PRO B 240 -25.35 25.30 -2.15
N GLU B 241 -26.46 25.85 -2.64
CA GLU B 241 -27.71 25.09 -2.77
C GLU B 241 -27.56 23.81 -3.66
N LYS B 242 -26.50 23.71 -4.46
CA LYS B 242 -26.23 22.49 -5.23
C LYS B 242 -25.93 21.25 -4.38
N ILE B 243 -25.57 21.42 -3.10
CA ILE B 243 -25.30 20.26 -2.23
C ILE B 243 -26.47 19.24 -2.35
N LYS B 244 -27.72 19.71 -2.45
CA LYS B 244 -28.90 18.83 -2.56
C LYS B 244 -28.79 17.88 -3.81
N GLU B 245 -28.42 18.44 -4.95
CA GLU B 245 -28.31 17.68 -6.19
C GLU B 245 -27.21 16.64 -6.04
N PHE B 246 -26.16 16.97 -5.30
CA PHE B 246 -25.02 16.06 -5.17
C PHE B 246 -25.36 14.89 -4.24
N ILE B 247 -26.14 15.12 -3.21
CA ILE B 247 -26.36 14.06 -2.18
C ILE B 247 -27.73 13.40 -2.13
N GLN B 248 -28.71 13.86 -2.91
CA GLN B 248 -30.07 13.25 -2.80
C GLN B 248 -30.12 11.86 -3.46
#